data_4PXZ
#
_entry.id   4PXZ
#
_cell.length_a   65.110
_cell.length_b   104.170
_cell.length_c   169.430
_cell.angle_alpha   90.00
_cell.angle_beta   90.00
_cell.angle_gamma   90.00
#
_symmetry.space_group_name_H-M   'C 2 2 21'
#
loop_
_entity.id
_entity.type
_entity.pdbx_description
1 polymer 'P2Y purinoceptor 12, Soluble cytochrome b562'
2 non-polymer "2-(methylsulfanyl)adenosine 5'-(trihydrogen diphosphate)"
3 non-polymer CHOLESTEROL
4 non-polymer '(2R)-2,3-dihydroxypropyl (9Z)-octadec-9-enoate'
5 non-polymer DI(HYDROXYETHYL)ETHER
6 water water
#
_entity_poly.entity_id   1
_entity_poly.type   'polypeptide(L)'
_entity_poly.pdbx_seq_one_letter_code
;DYKDDDDGAPQAVDNLTSAPGNTSLCTRDYKITQVLFPLLYTVLFFVGLITNGLAMRIFFQIRSKSNFIIFLKNTVISDL
LMILTFPFKILSDAKLGTGPLRTFVCQVTSVIFYFTMYISISFLGLITIDRYQKTTRPFKTSNPKNLLGAKILSVVIWAF
MFLLSLPNMILTNRQPRDKNVKKCSFLKSEFGLVWHEIVNYICQVIFWINFLIVIVCYTLITKELYRSYVRTADLEDNWE
TLNDNLKVIEKADNAAQVKDALTKMRAAALDAQKATPPKLEDKSPDSPEMKDFRHGFDILVGQIDDALKLANEGKVKEAQ
AAAEQLKTTRNAYIQKYLRGVGKVPRKKVNVKVFIIIAVFFICFVPFHFARIPYTLSQTRDVFDCTAENTLFYVKESTLW
LTSLNACLNPFIYFFLCKSFRNSLISMLKCPNSATSLSQDNRKKEQDGGDPNEETPMGRPLEVLFQ
;
_entity_poly.pdbx_strand_id   A
#
# COMPACT_ATOMS: atom_id res chain seq x y z
N SER A 24 -16.58 36.19 -19.27
CA SER A 24 -17.55 37.26 -19.02
C SER A 24 -18.96 36.82 -19.48
N LEU A 25 -19.17 36.70 -20.83
CA LEU A 25 -20.43 36.27 -21.45
C LEU A 25 -20.74 34.80 -21.16
N CYS A 26 -19.71 34.05 -20.73
CA CYS A 26 -19.80 32.63 -20.39
C CYS A 26 -20.49 32.44 -19.05
N THR A 27 -21.45 31.50 -19.02
CA THR A 27 -22.23 31.11 -17.83
C THR A 27 -21.93 29.65 -17.48
N ARG A 28 -21.78 29.39 -16.18
CA ARG A 28 -21.53 28.05 -15.65
C ARG A 28 -22.73 27.59 -14.82
N ASP A 29 -23.27 26.40 -15.14
CA ASP A 29 -24.42 25.85 -14.41
C ASP A 29 -23.94 25.26 -13.07
N TYR A 30 -24.37 25.90 -11.96
CA TYR A 30 -24.01 25.51 -10.60
C TYR A 30 -25.20 24.85 -9.86
N LYS A 31 -26.32 24.60 -10.57
CA LYS A 31 -27.54 24.02 -9.98
C LYS A 31 -27.35 22.58 -9.52
N ILE A 32 -26.59 21.77 -10.26
CA ILE A 32 -26.31 20.38 -9.88
C ILE A 32 -25.13 20.38 -8.87
N THR A 33 -24.16 21.27 -9.10
CA THR A 33 -22.97 21.48 -8.28
C THR A 33 -23.36 21.87 -6.82
N GLN A 34 -24.34 22.81 -6.64
CA GLN A 34 -24.77 23.28 -5.32
C GLN A 34 -25.56 22.22 -4.50
N VAL A 35 -26.04 21.15 -5.16
CA VAL A 35 -26.79 20.11 -4.45
C VAL A 35 -25.92 18.85 -4.31
N LEU A 36 -25.22 18.44 -5.39
CA LEU A 36 -24.41 17.23 -5.38
C LEU A 36 -23.14 17.39 -4.51
N PHE A 37 -22.28 18.39 -4.78
CA PHE A 37 -21.01 18.54 -4.06
C PHE A 37 -21.17 18.89 -2.56
N PRO A 38 -21.96 19.90 -2.10
CA PRO A 38 -22.14 20.09 -0.65
C PRO A 38 -22.66 18.83 0.05
N LEU A 39 -23.58 18.06 -0.58
CA LEU A 39 -24.14 16.81 -0.05
C LEU A 39 -23.04 15.72 0.03
N LEU A 40 -22.18 15.63 -1.00
CA LEU A 40 -21.07 14.67 -1.06
C LEU A 40 -19.99 15.00 -0.02
N TYR A 41 -19.67 16.31 0.13
CA TYR A 41 -18.64 16.76 1.06
C TYR A 41 -19.10 16.70 2.53
N THR A 42 -20.41 16.95 2.82
CA THR A 42 -20.98 16.86 4.16
C THR A 42 -20.78 15.43 4.70
N VAL A 43 -21.10 14.40 3.87
CA VAL A 43 -20.92 12.99 4.20
C VAL A 43 -19.45 12.76 4.56
N LEU A 44 -18.52 13.20 3.67
CA LEU A 44 -17.07 13.07 3.86
C LEU A 44 -16.56 13.82 5.10
N PHE A 45 -17.18 14.96 5.46
CA PHE A 45 -16.79 15.74 6.64
C PHE A 45 -17.07 14.96 7.93
N PHE A 46 -18.31 14.43 8.09
CA PHE A 46 -18.67 13.67 9.29
C PHE A 46 -17.97 12.31 9.32
N VAL A 47 -17.89 11.60 8.16
CA VAL A 47 -17.17 10.33 8.06
C VAL A 47 -15.68 10.56 8.39
N GLY A 48 -15.11 11.66 7.86
CA GLY A 48 -13.72 12.04 8.09
C GLY A 48 -13.39 12.47 9.51
N LEU A 49 -14.32 13.18 10.20
CA LEU A 49 -14.13 13.64 11.58
C LEU A 49 -14.10 12.48 12.57
N ILE A 50 -14.98 11.48 12.36
CA ILE A 50 -15.10 10.31 13.23
C ILE A 50 -13.95 9.31 12.96
N THR A 51 -13.44 9.24 11.71
CA THR A 51 -12.35 8.33 11.32
C THR A 51 -11.01 8.84 11.86
N ASN A 52 -10.73 10.15 11.67
CA ASN A 52 -9.48 10.77 12.11
C ASN A 52 -9.50 11.16 13.59
N GLY A 53 -10.70 11.26 14.16
CA GLY A 53 -10.88 11.53 15.58
C GLY A 53 -10.52 10.30 16.38
N LEU A 54 -10.94 9.12 15.88
CA LEU A 54 -10.67 7.81 16.47
C LEU A 54 -9.36 7.23 15.90
N ALA A 55 -8.49 8.11 15.37
CA ALA A 55 -7.16 7.81 14.85
C ALA A 55 -6.13 8.65 15.58
N MET A 56 -6.50 9.88 15.93
CA MET A 56 -5.65 10.82 16.67
C MET A 56 -5.58 10.39 18.12
N ARG A 57 -6.75 10.09 18.73
CA ARG A 57 -6.89 9.66 20.12
C ARG A 57 -6.24 8.28 20.38
N ILE A 58 -5.87 7.56 19.31
CA ILE A 58 -5.26 6.23 19.41
C ILE A 58 -3.77 6.28 19.03
N PHE A 59 -3.42 6.86 17.85
CA PHE A 59 -2.04 6.92 17.35
C PHE A 59 -1.16 7.91 18.12
N PHE A 60 -1.74 9.02 18.66
CA PHE A 60 -0.94 9.99 19.41
C PHE A 60 -0.71 9.58 20.87
N GLN A 61 -1.31 8.44 21.29
CA GLN A 61 -1.09 7.85 22.60
C GLN A 61 0.20 7.03 22.55
N ILE A 62 0.39 6.29 21.44
CA ILE A 62 1.55 5.41 21.18
C ILE A 62 2.80 6.28 20.87
N ARG A 63 3.98 5.82 21.33
CA ARG A 63 5.26 6.51 21.18
C ARG A 63 5.82 6.44 19.75
N SER A 64 6.63 7.44 19.38
CA SER A 64 7.28 7.53 18.08
C SER A 64 8.66 6.90 18.13
N LYS A 65 8.68 5.55 18.13
CA LYS A 65 9.90 4.74 18.21
C LYS A 65 10.42 4.35 16.82
N SER A 66 9.59 4.56 15.76
CA SER A 66 9.95 4.26 14.37
C SER A 66 9.59 5.43 13.43
N ASN A 67 10.24 5.46 12.26
CA ASN A 67 10.03 6.44 11.19
C ASN A 67 8.60 6.35 10.67
N PHE A 68 8.08 5.11 10.50
CA PHE A 68 6.75 4.79 10.03
C PHE A 68 5.67 5.49 10.84
N ILE A 69 5.73 5.41 12.18
CA ILE A 69 4.77 6.03 13.09
C ILE A 69 4.92 7.55 13.02
N ILE A 70 6.15 8.08 12.84
CA ILE A 70 6.38 9.53 12.70
C ILE A 70 5.66 10.00 11.42
N PHE A 71 5.85 9.27 10.30
CA PHE A 71 5.24 9.54 9.00
C PHE A 71 3.73 9.37 9.06
N LEU A 72 3.26 8.37 9.83
CA LEU A 72 1.84 8.06 10.04
C LEU A 72 1.14 9.16 10.87
N LYS A 73 1.85 9.73 11.87
CA LYS A 73 1.35 10.81 12.72
C LYS A 73 1.21 12.11 11.91
N ASN A 74 2.13 12.36 10.97
CA ASN A 74 2.09 13.55 10.10
C ASN A 74 0.90 13.44 9.14
N THR A 75 0.62 12.22 8.66
CA THR A 75 -0.46 11.85 7.75
C THR A 75 -1.82 12.08 8.44
N VAL A 76 -2.00 11.69 9.72
CA VAL A 76 -3.28 11.85 10.41
C VAL A 76 -3.63 13.36 10.61
N ILE A 77 -2.64 14.24 10.88
CA ILE A 77 -2.96 15.65 11.10
C ILE A 77 -3.16 16.38 9.74
N SER A 78 -2.45 15.96 8.67
CA SER A 78 -2.61 16.54 7.33
C SER A 78 -3.98 16.18 6.77
N ASP A 79 -4.51 15.00 7.17
CA ASP A 79 -5.85 14.53 6.86
C ASP A 79 -6.88 15.37 7.58
N LEU A 80 -6.60 15.72 8.85
CA LEU A 80 -7.53 16.50 9.64
C LEU A 80 -7.58 17.95 9.19
N LEU A 81 -6.43 18.50 8.77
CA LEU A 81 -6.36 19.86 8.24
C LEU A 81 -7.21 20.00 6.96
N MET A 82 -7.16 18.99 6.07
CA MET A 82 -7.92 19.08 4.83
C MET A 82 -9.42 18.74 5.05
N ILE A 83 -9.78 18.03 6.14
CA ILE A 83 -11.19 17.73 6.47
C ILE A 83 -11.83 19.02 7.03
N LEU A 84 -11.07 19.82 7.80
CA LEU A 84 -11.55 21.08 8.41
C LEU A 84 -11.78 22.19 7.35
N THR A 85 -11.26 21.98 6.14
CA THR A 85 -11.35 22.82 4.95
C THR A 85 -12.75 22.67 4.29
N PHE A 86 -13.35 21.47 4.41
CA PHE A 86 -14.64 21.10 3.80
C PHE A 86 -15.82 22.00 4.23
N PRO A 87 -16.08 22.36 5.52
CA PRO A 87 -17.26 23.22 5.82
C PRO A 87 -17.29 24.53 5.04
N PHE A 88 -16.13 25.19 4.87
CA PHE A 88 -15.98 26.44 4.11
C PHE A 88 -16.36 26.20 2.66
N LYS A 89 -15.94 25.04 2.11
CA LYS A 89 -16.24 24.64 0.74
C LYS A 89 -17.74 24.32 0.60
N ILE A 90 -18.30 23.47 1.50
CA ILE A 90 -19.71 23.05 1.52
C ILE A 90 -20.65 24.27 1.40
N LEU A 91 -20.48 25.26 2.30
CA LEU A 91 -21.34 26.43 2.39
C LEU A 91 -21.09 27.46 1.26
N SER A 92 -19.86 27.54 0.71
CA SER A 92 -19.59 28.47 -0.40
C SER A 92 -20.13 27.88 -1.72
N ASP A 93 -19.99 26.55 -1.89
CA ASP A 93 -20.48 25.83 -3.07
C ASP A 93 -21.99 25.70 -3.03
N ALA A 94 -22.60 25.81 -1.82
CA ALA A 94 -24.06 25.77 -1.63
C ALA A 94 -24.72 27.02 -2.25
N LYS A 95 -23.99 28.15 -2.26
CA LYS A 95 -24.44 29.41 -2.85
C LYS A 95 -24.13 29.40 -4.35
N LEU A 96 -25.08 29.83 -5.17
CA LEU A 96 -24.98 29.88 -6.64
C LEU A 96 -23.98 30.98 -7.10
N GLY A 97 -24.04 32.15 -6.46
CA GLY A 97 -23.17 33.27 -6.75
C GLY A 97 -21.95 33.36 -5.83
N THR A 98 -21.12 34.41 -6.03
CA THR A 98 -19.91 34.63 -5.23
C THR A 98 -20.27 35.39 -3.92
N GLY A 99 -19.27 35.58 -3.06
CA GLY A 99 -19.41 36.29 -1.79
C GLY A 99 -18.13 36.31 -0.98
N PRO A 100 -18.14 36.86 0.26
CA PRO A 100 -16.90 36.90 1.07
C PRO A 100 -16.36 35.51 1.42
N LEU A 101 -17.24 34.50 1.64
CA LEU A 101 -16.82 33.14 1.99
C LEU A 101 -16.16 32.45 0.79
N ARG A 102 -16.75 32.62 -0.42
CA ARG A 102 -16.20 32.03 -1.65
C ARG A 102 -14.81 32.64 -1.92
N THR A 103 -14.65 33.95 -1.67
CA THR A 103 -13.36 34.64 -1.81
C THR A 103 -12.35 34.04 -0.81
N PHE A 104 -12.79 33.79 0.44
CA PHE A 104 -11.99 33.20 1.51
C PHE A 104 -11.55 31.75 1.17
N VAL A 105 -12.43 30.97 0.52
CA VAL A 105 -12.14 29.60 0.08
C VAL A 105 -11.03 29.66 -1.01
N CYS A 106 -11.22 30.54 -2.00
CA CYS A 106 -10.29 30.78 -3.12
C CYS A 106 -8.89 31.17 -2.63
N GLN A 107 -8.85 32.07 -1.65
CA GLN A 107 -7.66 32.69 -1.10
C GLN A 107 -6.99 31.86 0.01
N VAL A 108 -7.77 31.19 0.89
CA VAL A 108 -7.12 30.51 2.02
C VAL A 108 -7.45 29.00 2.10
N THR A 109 -8.67 28.61 2.54
CA THR A 109 -9.04 27.22 2.83
C THR A 109 -8.86 26.25 1.67
N SER A 110 -9.14 26.63 0.40
CA SER A 110 -8.91 25.65 -0.69
C SER A 110 -7.41 25.56 -1.01
N VAL A 111 -6.61 26.59 -0.66
CA VAL A 111 -5.15 26.58 -0.81
C VAL A 111 -4.58 25.60 0.24
N ILE A 112 -5.14 25.63 1.49
CA ILE A 112 -4.74 24.72 2.58
C ILE A 112 -5.04 23.28 2.17
N PHE A 113 -6.22 23.04 1.56
CA PHE A 113 -6.60 21.71 1.06
C PHE A 113 -5.51 21.14 0.17
N TYR A 114 -5.11 21.88 -0.87
CA TYR A 114 -4.11 21.45 -1.84
C TYR A 114 -2.74 21.23 -1.23
N PHE A 115 -2.24 22.17 -0.39
CA PHE A 115 -0.89 22.01 0.18
C PHE A 115 -0.84 20.83 1.19
N THR A 116 -1.95 20.52 1.91
CA THR A 116 -1.99 19.37 2.83
C THR A 116 -2.20 18.06 2.02
N MET A 117 -2.81 18.15 0.81
CA MET A 117 -3.01 16.99 -0.07
C MET A 117 -1.66 16.48 -0.55
N TYR A 118 -0.75 17.40 -0.92
CA TYR A 118 0.58 17.05 -1.41
C TYR A 118 1.50 16.69 -0.24
N ILE A 119 1.12 17.06 0.99
CA ILE A 119 1.81 16.67 2.21
C ILE A 119 1.52 15.16 2.40
N SER A 120 0.24 14.76 2.27
CA SER A 120 -0.23 13.37 2.34
C SER A 120 0.45 12.48 1.31
N ILE A 121 0.49 12.90 0.03
CA ILE A 121 1.12 12.16 -1.08
C ILE A 121 2.62 11.94 -0.79
N SER A 122 3.31 12.95 -0.21
CA SER A 122 4.72 12.88 0.14
C SER A 122 4.98 11.84 1.24
N PHE A 123 4.12 11.82 2.28
CA PHE A 123 4.28 10.86 3.38
C PHE A 123 3.87 9.46 2.96
N LEU A 124 2.94 9.32 1.98
CA LEU A 124 2.53 8.01 1.47
C LEU A 124 3.68 7.40 0.70
N GLY A 125 4.40 8.23 -0.04
CA GLY A 125 5.61 7.86 -0.77
C GLY A 125 6.72 7.47 0.20
N LEU A 126 6.80 8.16 1.35
CA LEU A 126 7.79 7.88 2.39
C LEU A 126 7.47 6.61 3.17
N ILE A 127 6.18 6.39 3.54
CA ILE A 127 5.67 5.19 4.23
C ILE A 127 5.98 3.94 3.39
N THR A 128 5.79 4.05 2.06
CA THR A 128 6.05 2.99 1.07
C THR A 128 7.54 2.62 1.04
N ILE A 129 8.46 3.63 1.03
CA ILE A 129 9.92 3.39 1.03
C ILE A 129 10.29 2.68 2.35
N ASP A 130 9.73 3.17 3.47
CA ASP A 130 9.93 2.64 4.82
C ASP A 130 9.48 1.18 4.91
N ARG A 131 8.24 0.90 4.48
CA ARG A 131 7.66 -0.43 4.49
C ARG A 131 8.39 -1.36 3.52
N TYR A 132 8.89 -0.86 2.37
CA TYR A 132 9.66 -1.69 1.45
C TYR A 132 11.01 -2.09 2.09
N GLN A 133 11.70 -1.11 2.72
CA GLN A 133 12.99 -1.32 3.38
C GLN A 133 12.89 -2.30 4.56
N LYS A 134 11.71 -2.38 5.21
CA LYS A 134 11.42 -3.31 6.29
C LYS A 134 11.39 -4.76 5.77
N THR A 135 10.95 -4.98 4.51
CA THR A 135 10.86 -6.30 3.90
C THR A 135 12.24 -6.86 3.54
N THR A 136 13.20 -5.97 3.22
CA THR A 136 14.58 -6.33 2.85
C THR A 136 15.45 -6.50 4.11
N ARG A 137 15.08 -5.81 5.21
CA ARG A 137 15.76 -5.80 6.52
C ARG A 137 15.87 -7.24 7.09
N PRO A 138 17.06 -7.64 7.62
CA PRO A 138 17.21 -9.00 8.15
C PRO A 138 16.52 -9.20 9.51
N PRO A 144 17.70 7.60 18.66
CA PRO A 144 18.24 7.37 17.31
C PRO A 144 18.34 8.65 16.46
N LYS A 145 19.32 8.65 15.53
CA LYS A 145 19.58 9.75 14.60
C LYS A 145 18.73 9.62 13.33
N ASN A 146 18.17 8.40 13.09
CA ASN A 146 17.28 8.12 11.95
C ASN A 146 15.90 8.71 12.25
N LEU A 147 15.50 8.77 13.54
CA LEU A 147 14.26 9.38 14.03
C LEU A 147 14.36 10.88 13.85
N LEU A 148 15.57 11.43 14.10
CA LEU A 148 15.90 12.84 13.89
C LEU A 148 15.79 13.14 12.40
N GLY A 149 16.42 12.29 11.58
CA GLY A 149 16.39 12.37 10.13
C GLY A 149 14.99 12.33 9.57
N ALA A 150 14.12 11.47 10.15
CA ALA A 150 12.71 11.35 9.78
C ALA A 150 11.93 12.59 10.22
N LYS A 151 12.29 13.16 11.39
CA LYS A 151 11.66 14.36 11.95
C LYS A 151 12.00 15.59 11.12
N ILE A 152 13.30 15.79 10.75
CA ILE A 152 13.73 16.94 9.95
C ILE A 152 13.07 16.86 8.58
N LEU A 153 13.02 15.65 7.99
CA LEU A 153 12.39 15.36 6.70
C LEU A 153 10.91 15.69 6.73
N SER A 154 10.23 15.36 7.84
CA SER A 154 8.81 15.66 8.03
C SER A 154 8.58 17.18 8.07
N VAL A 155 9.47 17.94 8.75
CA VAL A 155 9.39 19.41 8.86
C VAL A 155 9.62 20.04 7.48
N VAL A 156 10.62 19.54 6.72
CA VAL A 156 11.00 20.02 5.38
C VAL A 156 9.81 19.86 4.41
N ILE A 157 9.08 18.73 4.46
CA ILE A 157 7.92 18.48 3.60
C ILE A 157 6.83 19.54 3.86
N TRP A 158 6.48 19.78 5.14
CA TRP A 158 5.47 20.74 5.57
C TRP A 158 5.86 22.19 5.17
N ALA A 159 7.10 22.61 5.51
CA ALA A 159 7.66 23.94 5.22
C ALA A 159 7.72 24.22 3.72
N PHE A 160 8.11 23.20 2.91
CA PHE A 160 8.18 23.34 1.46
C PHE A 160 6.80 23.58 0.84
N MET A 161 5.77 22.80 1.23
CA MET A 161 4.41 22.95 0.71
C MET A 161 3.79 24.28 1.11
N PHE A 162 4.18 24.79 2.29
CA PHE A 162 3.79 26.07 2.85
C PHE A 162 4.42 27.22 2.03
N LEU A 163 5.69 27.04 1.63
CA LEU A 163 6.50 27.95 0.81
C LEU A 163 5.82 28.18 -0.54
N LEU A 164 5.34 27.09 -1.18
CA LEU A 164 4.64 27.14 -2.47
C LEU A 164 3.24 27.73 -2.34
N SER A 165 2.53 27.40 -1.24
CA SER A 165 1.14 27.80 -0.97
C SER A 165 0.98 29.29 -0.68
N LEU A 166 1.89 29.89 0.10
CA LEU A 166 1.84 31.28 0.55
C LEU A 166 1.63 32.32 -0.59
N PRO A 167 2.40 32.34 -1.72
CA PRO A 167 2.11 33.35 -2.75
C PRO A 167 0.74 33.17 -3.42
N ASN A 168 0.15 31.94 -3.40
CA ASN A 168 -1.19 31.69 -3.94
C ASN A 168 -2.26 32.40 -3.11
N MET A 169 -2.03 32.49 -1.79
CA MET A 169 -2.92 33.16 -0.83
C MET A 169 -2.85 34.68 -0.96
N ILE A 170 -1.63 35.20 -1.14
CA ILE A 170 -1.32 36.62 -1.23
C ILE A 170 -1.71 37.20 -2.62
N LEU A 171 -1.51 36.44 -3.69
CA LEU A 171 -1.79 36.98 -5.02
C LEU A 171 -3.26 36.77 -5.50
N THR A 172 -4.16 36.33 -4.61
CA THR A 172 -5.61 36.22 -4.86
C THR A 172 -6.20 37.49 -4.23
N ASN A 173 -5.78 38.67 -4.74
CA ASN A 173 -6.10 39.98 -4.19
C ASN A 173 -7.21 40.76 -4.93
N ARG A 174 -7.63 40.28 -6.11
CA ARG A 174 -8.68 40.98 -6.88
C ARG A 174 -10.08 40.65 -6.34
N GLN A 175 -10.97 41.64 -6.42
CA GLN A 175 -12.38 41.52 -6.02
C GLN A 175 -13.20 40.96 -7.20
N PRO A 176 -14.30 40.18 -6.97
CA PRO A 176 -15.10 39.69 -8.12
C PRO A 176 -15.93 40.82 -8.77
N ARG A 177 -15.72 41.05 -10.08
CA ARG A 177 -16.39 42.09 -10.87
C ARG A 177 -17.86 41.68 -11.18
N ASP A 178 -18.10 40.39 -11.50
CA ASP A 178 -19.42 39.80 -11.76
C ASP A 178 -19.74 38.89 -10.59
N LYS A 179 -20.90 39.09 -9.94
CA LYS A 179 -21.30 38.31 -8.76
C LYS A 179 -21.64 36.84 -9.11
N ASN A 180 -21.97 36.55 -10.37
CA ASN A 180 -22.32 35.20 -10.78
C ASN A 180 -21.08 34.34 -11.02
N VAL A 181 -19.90 34.96 -11.27
CA VAL A 181 -18.63 34.28 -11.56
C VAL A 181 -17.91 33.92 -10.24
N LYS A 182 -17.84 32.61 -9.95
CA LYS A 182 -17.22 32.05 -8.74
C LYS A 182 -15.78 31.53 -8.95
N LYS A 183 -15.25 31.52 -10.20
CA LYS A 183 -13.90 30.99 -10.46
C LYS A 183 -12.78 31.82 -9.81
N CYS A 184 -11.88 31.12 -9.08
CA CYS A 184 -10.74 31.70 -8.34
C CYS A 184 -9.78 32.44 -9.26
N SER A 185 -9.65 32.00 -10.53
CA SER A 185 -8.75 32.62 -11.51
C SER A 185 -9.06 34.10 -11.76
N PHE A 186 -10.32 34.52 -11.57
CA PHE A 186 -10.76 35.89 -11.78
C PHE A 186 -10.42 36.78 -10.57
N LEU A 187 -10.06 36.16 -9.44
CA LEU A 187 -9.66 36.84 -8.21
C LEU A 187 -8.14 37.02 -8.13
N LYS A 188 -7.42 36.60 -9.18
CA LYS A 188 -5.96 36.63 -9.17
C LYS A 188 -5.31 37.73 -9.99
N SER A 189 -4.16 38.19 -9.50
CA SER A 189 -3.32 39.16 -10.18
C SER A 189 -2.55 38.45 -11.33
N GLU A 190 -1.83 39.23 -12.19
CA GLU A 190 -1.04 38.67 -13.30
C GLU A 190 -0.01 37.64 -12.77
N PHE A 191 0.83 38.01 -11.78
CA PHE A 191 1.80 37.07 -11.22
C PHE A 191 1.12 35.93 -10.43
N GLY A 192 -0.09 36.18 -9.92
CA GLY A 192 -0.91 35.19 -9.24
C GLY A 192 -1.26 34.03 -10.16
N LEU A 193 -1.59 34.36 -11.42
CA LEU A 193 -1.92 33.41 -12.47
C LEU A 193 -0.65 32.66 -12.91
N VAL A 194 0.52 33.33 -12.89
CA VAL A 194 1.82 32.77 -13.26
C VAL A 194 2.24 31.74 -12.19
N TRP A 195 2.21 32.14 -10.91
CA TRP A 195 2.57 31.31 -9.77
C TRP A 195 1.65 30.06 -9.68
N HIS A 196 0.34 30.25 -9.95
CA HIS A 196 -0.70 29.21 -9.99
C HIS A 196 -0.31 28.11 -10.98
N GLU A 197 0.21 28.52 -12.16
CA GLU A 197 0.67 27.62 -13.22
C GLU A 197 1.93 26.86 -12.77
N ILE A 198 2.90 27.58 -12.15
CA ILE A 198 4.17 27.04 -11.65
C ILE A 198 3.91 25.98 -10.56
N VAL A 199 3.05 26.33 -9.57
CA VAL A 199 2.69 25.48 -8.42
C VAL A 199 2.03 24.19 -8.92
N ASN A 200 1.07 24.30 -9.85
CA ASN A 200 0.36 23.16 -10.43
C ASN A 200 1.30 22.25 -11.23
N TYR A 201 2.42 22.80 -11.77
CA TYR A 201 3.44 22.03 -12.49
C TYR A 201 4.28 21.25 -11.49
N ILE A 202 4.80 21.94 -10.43
CA ILE A 202 5.62 21.33 -9.38
C ILE A 202 4.83 20.17 -8.73
N CYS A 203 3.55 20.38 -8.42
CA CYS A 203 2.67 19.40 -7.81
C CYS A 203 2.46 18.16 -8.71
N GLN A 204 2.38 18.36 -10.03
CA GLN A 204 2.35 17.28 -11.03
C GLN A 204 3.62 16.42 -10.91
N VAL A 205 4.80 17.06 -10.75
CA VAL A 205 6.10 16.39 -10.60
C VAL A 205 6.13 15.64 -9.25
N ILE A 206 5.62 16.26 -8.15
CA ILE A 206 5.54 15.67 -6.80
C ILE A 206 4.66 14.41 -6.85
N PHE A 207 3.52 14.49 -7.58
CA PHE A 207 2.60 13.38 -7.74
C PHE A 207 3.27 12.20 -8.45
N TRP A 208 3.78 12.41 -9.67
CA TRP A 208 4.37 11.38 -10.53
C TRP A 208 5.65 10.77 -9.96
N ILE A 209 6.48 11.54 -9.22
CA ILE A 209 7.68 10.98 -8.59
C ILE A 209 7.24 10.02 -7.47
N ASN A 210 6.24 10.42 -6.65
CA ASN A 210 5.71 9.59 -5.56
C ASN A 210 4.92 8.39 -6.09
N PHE A 211 4.18 8.57 -7.20
CA PHE A 211 3.44 7.47 -7.84
C PHE A 211 4.44 6.45 -8.37
N LEU A 212 5.56 6.91 -8.95
CA LEU A 212 6.63 6.05 -9.49
C LEU A 212 7.30 5.27 -8.37
N ILE A 213 7.56 5.92 -7.23
CA ILE A 213 8.16 5.33 -6.04
C ILE A 213 7.27 4.17 -5.57
N VAL A 214 5.94 4.44 -5.44
CA VAL A 214 4.92 3.48 -5.00
C VAL A 214 4.85 2.29 -5.98
N ILE A 215 4.85 2.55 -7.31
CA ILE A 215 4.82 1.55 -8.38
C ILE A 215 6.06 0.63 -8.30
N VAL A 216 7.26 1.22 -8.12
CA VAL A 216 8.54 0.50 -8.04
C VAL A 216 8.55 -0.40 -6.79
N CYS A 217 8.24 0.16 -5.61
CA CYS A 217 8.20 -0.54 -4.33
C CYS A 217 7.22 -1.71 -4.37
N TYR A 218 6.01 -1.49 -4.94
CA TYR A 218 4.98 -2.52 -5.08
C TYR A 218 5.46 -3.66 -5.97
N THR A 219 6.03 -3.35 -7.15
CA THR A 219 6.59 -4.30 -8.12
C THR A 219 7.70 -5.16 -7.48
N LEU A 220 8.56 -4.55 -6.65
CA LEU A 220 9.66 -5.26 -5.98
C LEU A 220 9.14 -6.21 -4.89
N ILE A 221 8.10 -5.79 -4.14
CA ILE A 221 7.46 -6.61 -3.10
C ILE A 221 6.68 -7.78 -3.78
N THR A 222 6.02 -7.49 -4.93
CA THR A 222 5.24 -8.47 -5.71
C THR A 222 6.19 -9.51 -6.29
N LYS A 223 7.35 -9.07 -6.85
CA LYS A 223 8.38 -9.99 -7.38
C LYS A 223 8.86 -10.96 -6.26
N GLU A 224 9.08 -10.42 -5.05
CA GLU A 224 9.50 -11.15 -3.87
C GLU A 224 8.44 -12.18 -3.44
N LEU A 225 7.15 -11.83 -3.57
CA LEU A 225 6.03 -12.73 -3.26
C LEU A 225 6.05 -13.90 -4.24
N TYR A 226 6.19 -13.61 -5.55
CA TYR A 226 6.22 -14.61 -6.62
C TYR A 226 7.43 -15.52 -6.46
N ARG A 227 8.58 -14.97 -6.04
CA ARG A 227 9.81 -15.70 -5.77
C ARG A 227 9.62 -16.65 -4.58
N SER A 228 8.94 -16.19 -3.51
CA SER A 228 8.64 -16.97 -2.30
C SER A 228 7.70 -18.11 -2.61
N TYR A 229 6.74 -17.87 -3.54
CA TYR A 229 5.77 -18.85 -4.02
C TYR A 229 6.46 -20.01 -4.74
N VAL A 230 7.42 -19.73 -5.67
CA VAL A 230 8.10 -20.78 -6.45
C VAL A 230 8.99 -21.64 -5.52
N ARG A 231 9.64 -21.01 -4.52
CA ARG A 231 10.47 -21.72 -3.55
C ARG A 231 9.61 -22.67 -2.69
N THR A 232 8.33 -22.29 -2.42
CA THR A 232 7.38 -23.12 -1.66
C THR A 232 6.86 -24.25 -2.57
N ALA A 233 6.48 -23.91 -3.81
CA ALA A 233 5.98 -24.88 -4.79
C ALA A 233 7.07 -25.92 -5.15
N ASP A 234 8.36 -25.50 -5.23
CA ASP A 234 9.49 -26.41 -5.51
C ASP A 234 9.62 -27.44 -4.36
N LEU A 235 9.52 -26.95 -3.13
CA LEU A 235 9.59 -27.70 -1.89
C LEU A 235 8.41 -28.66 -1.77
N GLU A 236 7.21 -28.20 -2.13
CA GLU A 236 5.98 -28.99 -2.09
C GLU A 236 5.99 -30.07 -3.18
N ASP A 237 6.71 -29.83 -4.31
CA ASP A 237 6.88 -30.82 -5.39
C ASP A 237 7.68 -32.02 -4.88
N ASN A 238 8.63 -31.76 -3.96
CA ASN A 238 9.47 -32.76 -3.30
C ASN A 238 8.60 -33.66 -2.41
N TRP A 239 7.64 -33.07 -1.69
CA TRP A 239 6.71 -33.79 -0.83
C TRP A 239 5.76 -34.66 -1.66
N GLU A 240 5.30 -34.16 -2.82
CA GLU A 240 4.44 -34.90 -3.75
C GLU A 240 5.21 -36.11 -4.29
N THR A 241 6.50 -35.93 -4.67
CA THR A 241 7.39 -36.98 -5.17
C THR A 241 7.50 -38.09 -4.13
N LEU A 242 7.78 -37.71 -2.87
CA LEU A 242 7.93 -38.63 -1.75
C LEU A 242 6.63 -39.40 -1.48
N ASN A 243 5.48 -38.71 -1.47
CA ASN A 243 4.20 -39.34 -1.16
C ASN A 243 3.71 -40.22 -2.31
N ASP A 244 3.98 -39.83 -3.58
CA ASP A 244 3.63 -40.61 -4.78
C ASP A 244 4.40 -41.93 -4.82
N ASN A 245 5.70 -41.89 -4.50
CA ASN A 245 6.58 -43.07 -4.49
C ASN A 245 6.22 -44.01 -3.34
N LEU A 246 5.66 -43.48 -2.24
CA LEU A 246 5.21 -44.29 -1.12
C LEU A 246 4.04 -45.17 -1.59
N LYS A 247 3.13 -44.61 -2.42
CA LYS A 247 1.97 -45.33 -2.98
C LYS A 247 2.44 -46.50 -3.86
N VAL A 248 3.52 -46.27 -4.66
CA VAL A 248 4.15 -47.26 -5.53
C VAL A 248 4.62 -48.46 -4.70
N ILE A 249 5.30 -48.21 -3.56
CA ILE A 249 5.82 -49.23 -2.63
C ILE A 249 4.67 -50.11 -2.11
N GLU A 250 3.54 -49.49 -1.72
CA GLU A 250 2.37 -50.18 -1.19
C GLU A 250 1.76 -51.13 -2.22
N LYS A 251 1.68 -50.70 -3.49
CA LYS A 251 1.12 -51.49 -4.57
C LYS A 251 2.17 -52.40 -5.28
N ALA A 252 3.44 -52.42 -4.80
CA ALA A 252 4.53 -53.21 -5.39
C ALA A 252 4.56 -54.66 -4.88
N ASP A 253 5.22 -55.54 -5.67
CA ASP A 253 5.36 -56.98 -5.41
C ASP A 253 6.81 -57.47 -5.68
N ASN A 254 7.78 -56.54 -5.85
CA ASN A 254 9.18 -56.87 -6.11
C ASN A 254 10.12 -55.82 -5.52
N ALA A 255 11.34 -56.24 -5.15
CA ALA A 255 12.39 -55.41 -4.53
C ALA A 255 12.93 -54.33 -5.47
N ALA A 256 12.94 -54.59 -6.80
CA ALA A 256 13.41 -53.62 -7.80
C ALA A 256 12.54 -52.35 -7.80
N GLN A 257 11.19 -52.51 -7.75
CA GLN A 257 10.24 -51.39 -7.74
C GLN A 257 10.30 -50.62 -6.42
N VAL A 258 10.46 -51.35 -5.31
CA VAL A 258 10.53 -50.79 -3.96
C VAL A 258 11.84 -49.96 -3.82
N LYS A 259 12.99 -50.49 -4.29
CA LYS A 259 14.31 -49.82 -4.29
C LYS A 259 14.26 -48.53 -5.12
N ASP A 260 13.62 -48.56 -6.30
CA ASP A 260 13.47 -47.42 -7.21
C ASP A 260 12.73 -46.25 -6.52
N ALA A 261 11.52 -46.53 -5.98
CA ALA A 261 10.69 -45.57 -5.27
C ALA A 261 11.41 -45.00 -4.04
N LEU A 262 12.02 -45.87 -3.21
CA LEU A 262 12.76 -45.49 -2.01
C LEU A 262 13.92 -44.54 -2.32
N THR A 263 14.64 -44.78 -3.45
CA THR A 263 15.74 -43.93 -3.93
C THR A 263 15.22 -42.52 -4.27
N LYS A 264 14.08 -42.42 -5.00
CA LYS A 264 13.46 -41.14 -5.38
C LYS A 264 12.95 -40.40 -4.14
N MET A 265 12.48 -41.13 -3.13
CA MET A 265 11.99 -40.54 -1.87
C MET A 265 13.15 -39.93 -1.08
N ARG A 266 14.30 -40.65 -1.00
CA ARG A 266 15.51 -40.22 -0.30
C ARG A 266 16.05 -38.95 -0.96
N ALA A 267 16.06 -38.91 -2.32
CA ALA A 267 16.53 -37.77 -3.12
C ALA A 267 15.64 -36.55 -2.91
N ALA A 268 14.29 -36.73 -2.91
CA ALA A 268 13.35 -35.64 -2.67
C ALA A 268 13.48 -35.07 -1.24
N ALA A 269 13.60 -35.95 -0.23
CA ALA A 269 13.77 -35.61 1.18
C ALA A 269 15.09 -34.86 1.44
N LEU A 270 16.23 -35.36 0.88
CA LEU A 270 17.54 -34.71 1.02
C LEU A 270 17.58 -33.37 0.28
N ASP A 271 16.81 -33.24 -0.82
CA ASP A 271 16.69 -32.00 -1.58
C ASP A 271 15.94 -30.97 -0.74
N ALA A 272 14.78 -31.37 -0.17
CA ALA A 272 13.94 -30.55 0.70
C ALA A 272 14.69 -30.11 1.99
N GLN A 273 15.58 -30.96 2.52
CA GLN A 273 16.39 -30.69 3.71
C GLN A 273 17.40 -29.54 3.47
N LYS A 274 17.80 -29.31 2.20
CA LYS A 274 18.78 -28.28 1.82
C LYS A 274 18.13 -26.90 1.60
N ALA A 275 16.79 -26.85 1.53
CA ALA A 275 16.03 -25.62 1.27
C ALA A 275 16.03 -24.62 2.42
N THR A 276 15.87 -23.33 2.08
CA THR A 276 15.70 -22.26 3.05
C THR A 276 14.33 -21.65 2.73
N PRO A 277 13.24 -22.26 3.26
CA PRO A 277 11.89 -21.73 2.99
C PRO A 277 11.71 -20.30 3.52
N PRO A 278 10.73 -19.52 3.00
CA PRO A 278 10.58 -18.12 3.44
C PRO A 278 10.47 -17.89 4.97
N LYS A 279 9.90 -18.85 5.72
CA LYS A 279 9.80 -18.75 7.18
C LYS A 279 11.16 -18.88 7.89
N LEU A 280 12.17 -19.47 7.23
CA LEU A 280 13.48 -19.67 7.85
C LEU A 280 14.56 -18.69 7.35
N GLU A 281 14.23 -17.86 6.35
CA GLU A 281 15.09 -16.85 5.72
C GLU A 281 15.91 -16.00 6.69
N ASP A 282 15.24 -15.38 7.68
CA ASP A 282 15.89 -14.46 8.63
C ASP A 282 16.13 -15.14 9.99
N LYS A 283 16.37 -16.46 9.97
CA LYS A 283 16.63 -17.24 11.18
C LYS A 283 18.10 -17.64 11.23
N SER A 284 18.67 -17.59 12.43
CA SER A 284 20.05 -17.95 12.73
C SER A 284 20.31 -19.43 12.39
N PRO A 285 21.52 -19.82 11.91
CA PRO A 285 21.76 -21.25 11.58
C PRO A 285 21.60 -22.19 12.78
N ASP A 286 21.95 -21.72 13.99
CA ASP A 286 21.83 -22.53 15.21
C ASP A 286 20.56 -22.17 16.03
N SER A 287 19.54 -21.59 15.35
CA SER A 287 18.26 -21.28 16.01
C SER A 287 17.42 -22.57 16.08
N PRO A 288 16.55 -22.76 17.10
CA PRO A 288 15.76 -24.01 17.19
C PRO A 288 14.86 -24.28 15.96
N GLU A 289 14.34 -23.24 15.30
CA GLU A 289 13.50 -23.35 14.09
C GLU A 289 14.28 -24.01 12.96
N MET A 290 15.52 -23.56 12.73
CA MET A 290 16.43 -24.11 11.72
C MET A 290 16.83 -25.54 12.06
N LYS A 291 17.11 -25.81 13.36
CA LYS A 291 17.52 -27.11 13.88
C LYS A 291 16.41 -28.16 13.75
N ASP A 292 15.17 -27.84 14.17
CA ASP A 292 14.01 -28.75 14.10
C ASP A 292 13.66 -29.10 12.66
N PHE A 293 13.83 -28.13 11.73
CA PHE A 293 13.58 -28.33 10.31
C PHE A 293 14.55 -29.39 9.75
N ARG A 294 15.86 -29.25 10.01
CA ARG A 294 16.87 -30.20 9.53
C ARG A 294 16.72 -31.58 10.19
N HIS A 295 16.47 -31.62 11.53
CA HIS A 295 16.31 -32.87 12.29
CA HIS A 295 16.31 -32.86 12.29
C HIS A 295 15.07 -33.63 11.85
N GLY A 296 14.00 -32.92 11.50
CA GLY A 296 12.77 -33.53 11.01
C GLY A 296 13.03 -34.36 9.77
N PHE A 297 13.89 -33.86 8.88
CA PHE A 297 14.29 -34.58 7.67
C PHE A 297 15.23 -35.75 7.99
N ASP A 298 16.07 -35.62 9.03
CA ASP A 298 16.99 -36.69 9.46
C ASP A 298 16.22 -37.91 9.95
N ILE A 299 15.08 -37.70 10.60
CA ILE A 299 14.24 -38.78 11.11
C ILE A 299 13.58 -39.51 9.93
N LEU A 300 13.04 -38.76 8.94
CA LEU A 300 12.36 -39.33 7.76
C LEU A 300 13.35 -40.01 6.80
N VAL A 301 14.53 -39.39 6.54
CA VAL A 301 15.58 -39.97 5.67
C VAL A 301 16.05 -41.28 6.31
N GLY A 302 16.22 -41.27 7.64
CA GLY A 302 16.60 -42.44 8.43
C GLY A 302 15.67 -43.61 8.25
N GLN A 303 14.35 -43.34 8.21
CA GLN A 303 13.34 -44.38 8.02
C GLN A 303 13.41 -44.93 6.58
N ILE A 304 13.62 -44.06 5.58
CA ILE A 304 13.76 -44.45 4.17
C ILE A 304 15.00 -45.33 4.04
N ASP A 305 16.12 -44.94 4.71
CA ASP A 305 17.40 -45.65 4.71
C ASP A 305 17.27 -47.07 5.24
N ASP A 306 16.46 -47.26 6.30
CA ASP A 306 16.20 -48.58 6.91
C ASP A 306 15.43 -49.46 5.94
N ALA A 307 14.44 -48.89 5.22
CA ALA A 307 13.62 -49.60 4.24
C ALA A 307 14.43 -49.93 3.00
N LEU A 308 15.35 -49.02 2.60
CA LEU A 308 16.23 -49.17 1.44
C LEU A 308 17.25 -50.29 1.67
N LYS A 309 17.73 -50.43 2.92
CA LYS A 309 18.67 -51.47 3.35
C LYS A 309 18.01 -52.84 3.19
N LEU A 310 16.71 -52.91 3.53
CA LEU A 310 15.90 -54.14 3.45
C LEU A 310 15.61 -54.49 1.99
N ALA A 311 15.26 -53.48 1.17
CA ALA A 311 14.99 -53.63 -0.27
C ALA A 311 16.21 -54.22 -0.97
N ASN A 312 17.42 -53.76 -0.59
CA ASN A 312 18.71 -54.23 -1.13
C ASN A 312 19.01 -55.68 -0.74
N GLU A 313 18.35 -56.19 0.33
CA GLU A 313 18.48 -57.58 0.82
C GLU A 313 17.38 -58.47 0.20
N GLY A 314 16.57 -57.90 -0.69
CA GLY A 314 15.49 -58.60 -1.38
C GLY A 314 14.24 -58.87 -0.55
N LYS A 315 14.18 -58.35 0.70
CA LYS A 315 13.05 -58.53 1.63
C LYS A 315 11.97 -57.47 1.31
N VAL A 316 11.14 -57.73 0.30
CA VAL A 316 10.10 -56.84 -0.22
C VAL A 316 9.12 -56.39 0.89
N LYS A 317 8.42 -57.36 1.53
CA LYS A 317 7.42 -57.11 2.58
C LYS A 317 8.00 -56.33 3.77
N GLU A 318 9.24 -56.65 4.19
CA GLU A 318 9.94 -55.97 5.28
C GLU A 318 10.30 -54.54 4.89
N ALA A 319 10.71 -54.31 3.62
CA ALA A 319 11.04 -53.00 3.07
C ALA A 319 9.77 -52.16 2.91
N GLN A 320 8.62 -52.82 2.63
CA GLN A 320 7.30 -52.18 2.49
C GLN A 320 6.76 -51.81 3.86
N ALA A 321 6.99 -52.66 4.89
CA ALA A 321 6.55 -52.39 6.26
C ALA A 321 7.32 -51.21 6.86
N ALA A 322 8.64 -51.13 6.60
CA ALA A 322 9.54 -50.06 7.07
C ALA A 322 9.25 -48.73 6.34
N ALA A 323 8.87 -48.78 5.05
CA ALA A 323 8.53 -47.57 4.30
C ALA A 323 7.18 -47.04 4.79
N GLU A 324 6.26 -47.96 5.16
CA GLU A 324 4.93 -47.68 5.71
C GLU A 324 5.02 -46.98 7.08
N GLN A 325 6.18 -47.05 7.75
CA GLN A 325 6.43 -46.40 9.04
C GLN A 325 6.35 -44.85 8.92
N LEU A 326 6.42 -44.32 7.69
CA LEU A 326 6.30 -42.89 7.41
C LEU A 326 4.85 -42.42 7.58
N LYS A 327 3.91 -43.38 7.64
CA LYS A 327 2.49 -43.13 7.82
C LYS A 327 2.11 -43.18 9.31
N THR A 328 3.07 -43.52 10.22
CA THR A 328 2.78 -43.49 11.67
C THR A 328 2.42 -42.06 12.10
N THR A 329 1.65 -41.92 13.20
CA THR A 329 1.22 -40.63 13.73
C THR A 329 2.42 -39.68 13.89
N ARG A 330 3.54 -40.20 14.44
CA ARG A 330 4.78 -39.46 14.68
C ARG A 330 5.37 -38.93 13.38
N ASN A 331 5.57 -39.82 12.37
CA ASN A 331 6.15 -39.44 11.09
C ASN A 331 5.20 -38.62 10.22
N ALA A 332 3.87 -38.81 10.37
CA ALA A 332 2.87 -37.99 9.66
C ALA A 332 2.87 -36.58 10.28
N TYR A 333 3.06 -36.49 11.63
CA TYR A 333 3.17 -35.21 12.33
C TYR A 333 4.43 -34.47 11.86
N ILE A 334 5.58 -35.18 11.78
CA ILE A 334 6.87 -34.61 11.32
C ILE A 334 6.70 -34.05 9.90
N GLN A 335 6.02 -34.78 8.98
CA GLN A 335 5.76 -34.29 7.62
C GLN A 335 4.90 -33.01 7.63
N LYS A 336 3.74 -33.05 8.32
CA LYS A 336 2.79 -31.92 8.46
C LYS A 336 3.52 -30.66 8.98
N TYR A 337 4.38 -30.83 10.00
CA TYR A 337 5.20 -29.76 10.60
C TYR A 337 6.15 -29.16 9.53
N LEU A 338 7.01 -30.01 8.91
CA LEU A 338 7.99 -29.59 7.90
C LEU A 338 7.32 -28.89 6.70
N ARG A 339 6.17 -29.41 6.24
CA ARG A 339 5.42 -28.84 5.13
C ARG A 339 4.87 -27.46 5.51
N GLY A 340 4.43 -27.31 6.78
CA GLY A 340 3.92 -26.05 7.32
C GLY A 340 5.00 -24.98 7.38
N VAL A 341 6.23 -25.38 7.72
CA VAL A 341 7.40 -24.50 7.81
C VAL A 341 7.75 -23.97 6.39
N GLY A 342 7.42 -24.75 5.35
CA GLY A 342 7.71 -24.38 3.97
C GLY A 342 6.73 -23.44 3.30
N LYS A 343 5.58 -23.19 3.95
CA LYS A 343 4.49 -22.36 3.46
C LYS A 343 4.87 -20.87 3.40
N VAL A 344 4.23 -20.12 2.48
CA VAL A 344 4.46 -18.67 2.30
C VAL A 344 3.82 -17.91 3.49
N PRO A 345 4.62 -17.12 4.26
CA PRO A 345 4.03 -16.44 5.42
C PRO A 345 3.37 -15.09 5.09
N ARG A 346 2.67 -14.51 6.08
CA ARG A 346 2.01 -13.19 6.02
C ARG A 346 2.99 -12.09 5.62
N LYS A 347 4.25 -12.11 6.16
CA LYS A 347 5.35 -11.15 5.89
C LYS A 347 5.48 -10.81 4.39
N LYS A 348 5.30 -11.82 3.53
CA LYS A 348 5.43 -11.75 2.07
C LYS A 348 4.26 -11.07 1.39
N VAL A 349 3.11 -10.94 2.07
CA VAL A 349 1.91 -10.28 1.58
C VAL A 349 1.82 -8.91 2.27
N ASN A 350 2.16 -7.84 1.52
CA ASN A 350 2.19 -6.48 2.10
C ASN A 350 0.89 -5.74 1.75
N VAL A 351 -0.04 -5.75 2.72
CA VAL A 351 -1.34 -5.11 2.55
C VAL A 351 -1.22 -3.57 2.60
N LYS A 352 -0.23 -3.02 3.33
CA LYS A 352 -0.04 -1.57 3.44
C LYS A 352 0.39 -0.95 2.12
N VAL A 353 1.35 -1.59 1.42
CA VAL A 353 1.86 -1.10 0.12
C VAL A 353 0.77 -1.29 -0.95
N PHE A 354 -0.04 -2.37 -0.85
CA PHE A 354 -1.14 -2.60 -1.79
C PHE A 354 -2.22 -1.50 -1.60
N ILE A 355 -2.57 -1.17 -0.33
CA ILE A 355 -3.55 -0.13 -0.02
C ILE A 355 -3.10 1.22 -0.60
N ILE A 356 -1.81 1.61 -0.38
CA ILE A 356 -1.25 2.87 -0.88
C ILE A 356 -1.33 2.91 -2.42
N ILE A 357 -0.99 1.78 -3.12
CA ILE A 357 -1.07 1.77 -4.58
C ILE A 357 -2.55 1.85 -5.03
N ALA A 358 -3.47 1.18 -4.29
CA ALA A 358 -4.91 1.25 -4.56
C ALA A 358 -5.41 2.70 -4.43
N VAL A 359 -4.95 3.42 -3.37
CA VAL A 359 -5.29 4.81 -3.04
C VAL A 359 -4.79 5.76 -4.14
N PHE A 360 -3.59 5.54 -4.68
CA PHE A 360 -3.04 6.40 -5.73
C PHE A 360 -3.86 6.29 -7.01
N PHE A 361 -4.29 5.07 -7.37
CA PHE A 361 -5.07 4.78 -8.57
C PHE A 361 -6.50 5.30 -8.48
N ILE A 362 -7.14 5.13 -7.31
CA ILE A 362 -8.54 5.53 -7.07
C ILE A 362 -8.64 7.03 -6.82
N CYS A 363 -7.89 7.54 -5.82
CA CYS A 363 -7.98 8.92 -5.36
C CYS A 363 -7.13 9.91 -6.13
N PHE A 364 -5.89 9.59 -6.49
CA PHE A 364 -5.01 10.61 -7.05
C PHE A 364 -4.82 10.61 -8.56
N VAL A 365 -4.83 9.44 -9.22
CA VAL A 365 -4.58 9.36 -10.67
C VAL A 365 -5.64 10.14 -11.48
N PRO A 366 -6.98 10.01 -11.25
CA PRO A 366 -7.93 10.77 -12.10
C PRO A 366 -7.77 12.30 -12.01
N PHE A 367 -7.58 12.84 -10.79
CA PHE A 367 -7.41 14.28 -10.57
C PHE A 367 -6.18 14.83 -11.30
N HIS A 368 -5.05 14.11 -11.25
CA HIS A 368 -3.82 14.57 -11.87
C HIS A 368 -3.87 14.51 -13.39
N PHE A 369 -4.71 13.63 -13.95
CA PHE A 369 -4.99 13.52 -15.39
C PHE A 369 -5.84 14.70 -15.86
N ALA A 370 -6.85 15.09 -15.04
CA ALA A 370 -7.82 16.16 -15.31
C ALA A 370 -7.27 17.59 -15.09
N ARG A 371 -6.20 17.70 -14.28
CA ARG A 371 -5.60 18.96 -13.84
C ARG A 371 -4.94 19.82 -14.92
N ILE A 372 -3.95 19.34 -15.69
CA ILE A 372 -3.25 20.19 -16.67
C ILE A 372 -4.25 20.87 -17.66
N PRO A 373 -5.18 20.19 -18.38
CA PRO A 373 -6.09 20.94 -19.27
C PRO A 373 -6.91 22.00 -18.52
N TYR A 374 -7.31 21.73 -17.26
CA TYR A 374 -8.08 22.66 -16.42
C TYR A 374 -7.23 23.87 -15.99
N THR A 375 -5.94 23.65 -15.69
CA THR A 375 -5.00 24.72 -15.31
C THR A 375 -4.77 25.62 -16.52
N LEU A 376 -4.64 25.03 -17.74
CA LEU A 376 -4.47 25.73 -19.01
C LEU A 376 -5.66 26.68 -19.32
N SER A 377 -6.89 26.28 -18.91
CA SER A 377 -8.11 27.05 -19.13
C SER A 377 -8.23 28.22 -18.15
N GLN A 378 -7.62 28.10 -16.96
CA GLN A 378 -7.61 29.08 -15.87
C GLN A 378 -6.63 30.23 -16.11
N THR A 379 -5.44 29.91 -16.68
CA THR A 379 -4.32 30.86 -16.83
C THR A 379 -4.38 31.64 -18.16
N ARG A 380 -5.10 31.15 -19.19
CA ARG A 380 -5.33 31.84 -20.47
C ARG A 380 -6.79 31.69 -20.85
N ASP A 381 -7.35 32.71 -21.52
CA ASP A 381 -8.73 32.65 -21.99
C ASP A 381 -8.70 32.06 -23.40
N VAL A 382 -8.42 30.75 -23.47
CA VAL A 382 -8.17 29.95 -24.68
C VAL A 382 -9.32 28.97 -25.02
N PHE A 383 -10.08 28.51 -24.03
CA PHE A 383 -11.14 27.53 -24.27
C PHE A 383 -12.51 28.18 -24.39
N ASP A 384 -13.40 27.51 -25.14
CA ASP A 384 -14.83 27.82 -25.27
C ASP A 384 -15.51 27.64 -23.91
N CYS A 385 -16.62 28.35 -23.69
CA CYS A 385 -17.41 28.32 -22.45
C CYS A 385 -17.74 26.87 -22.01
N THR A 386 -18.33 26.07 -22.91
CA THR A 386 -18.74 24.69 -22.64
C THR A 386 -17.53 23.79 -22.45
N ALA A 387 -16.41 24.08 -23.14
CA ALA A 387 -15.16 23.33 -23.01
C ALA A 387 -14.56 23.58 -21.62
N GLU A 388 -14.54 24.86 -21.19
CA GLU A 388 -14.09 25.34 -19.88
C GLU A 388 -14.91 24.71 -18.75
N ASN A 389 -16.26 24.79 -18.87
CA ASN A 389 -17.21 24.25 -17.89
C ASN A 389 -17.05 22.74 -17.72
N THR A 390 -16.85 22.00 -18.83
CA THR A 390 -16.63 20.55 -18.81
C THR A 390 -15.34 20.26 -18.02
N LEU A 391 -14.25 21.01 -18.29
CA LEU A 391 -12.97 20.86 -17.58
C LEU A 391 -13.16 21.12 -16.08
N PHE A 392 -14.03 22.08 -15.72
CA PHE A 392 -14.34 22.38 -14.33
C PHE A 392 -15.07 21.21 -13.65
N TYR A 393 -16.17 20.70 -14.26
CA TYR A 393 -16.97 19.61 -13.71
C TYR A 393 -16.12 18.35 -13.47
N VAL A 394 -15.24 18.01 -14.41
CA VAL A 394 -14.33 16.85 -14.33
C VAL A 394 -13.34 17.05 -13.17
N LYS A 395 -12.70 18.24 -13.05
CA LYS A 395 -11.75 18.50 -11.98
C LYS A 395 -12.46 18.51 -10.62
N GLU A 396 -13.67 19.05 -10.55
CA GLU A 396 -14.48 19.11 -9.35
C GLU A 396 -14.82 17.67 -8.86
N SER A 397 -15.26 16.79 -9.78
CA SER A 397 -15.59 15.39 -9.53
C SER A 397 -14.38 14.59 -9.03
N THR A 398 -13.21 14.75 -9.68
CA THR A 398 -11.97 14.02 -9.37
C THR A 398 -11.32 14.58 -8.09
N LEU A 399 -11.60 15.85 -7.75
CA LEU A 399 -11.13 16.50 -6.51
C LEU A 399 -11.81 15.85 -5.33
N TRP A 400 -13.08 15.42 -5.51
CA TRP A 400 -13.85 14.76 -4.46
C TRP A 400 -13.24 13.37 -4.15
N LEU A 401 -12.77 12.65 -5.19
CA LEU A 401 -12.10 11.35 -5.02
C LEU A 401 -10.83 11.50 -4.21
N THR A 402 -10.11 12.60 -4.47
CA THR A 402 -8.87 13.03 -3.83
C THR A 402 -9.10 13.20 -2.30
N SER A 403 -10.31 13.71 -1.91
CA SER A 403 -10.76 14.00 -0.54
C SER A 403 -11.11 12.72 0.26
N LEU A 404 -11.33 11.58 -0.45
CA LEU A 404 -11.60 10.28 0.18
C LEU A 404 -10.39 9.80 0.94
N ASN A 405 -9.19 10.10 0.41
CA ASN A 405 -7.89 9.77 0.98
C ASN A 405 -7.81 10.19 2.45
N ALA A 406 -8.27 11.42 2.78
CA ALA A 406 -8.32 11.98 4.13
C ALA A 406 -9.20 11.11 5.06
N CYS A 407 -10.19 10.39 4.50
CA CYS A 407 -11.10 9.49 5.20
C CYS A 407 -10.63 8.01 5.09
N LEU A 408 -9.76 7.71 4.09
CA LEU A 408 -9.23 6.37 3.84
C LEU A 408 -7.91 6.11 4.59
N ASN A 409 -6.93 7.04 4.49
CA ASN A 409 -5.58 6.99 5.07
C ASN A 409 -5.49 6.33 6.47
N PRO A 410 -6.38 6.61 7.48
CA PRO A 410 -6.22 5.94 8.78
C PRO A 410 -6.36 4.40 8.74
N PHE A 411 -6.92 3.81 7.64
CA PHE A 411 -7.09 2.36 7.48
C PHE A 411 -5.75 1.62 7.18
N ILE A 412 -4.64 2.37 7.04
CA ILE A 412 -3.29 1.84 6.86
C ILE A 412 -2.79 1.36 8.25
N TYR A 413 -3.36 1.94 9.33
CA TYR A 413 -3.05 1.62 10.72
C TYR A 413 -4.20 0.86 11.42
N PHE A 414 -5.45 0.98 10.90
CA PHE A 414 -6.64 0.35 11.47
C PHE A 414 -6.63 -1.18 11.43
N PHE A 415 -5.93 -1.78 10.45
CA PHE A 415 -5.87 -3.23 10.34
C PHE A 415 -4.53 -3.78 10.87
N LEU A 416 -4.45 -3.86 12.22
CA LEU A 416 -3.33 -4.36 13.02
C LEU A 416 -3.80 -4.70 14.46
N CYS A 417 -3.01 -5.54 15.18
CA CYS A 417 -3.26 -6.06 16.53
C CYS A 417 -3.59 -4.98 17.58
N LYS A 418 -3.00 -3.78 17.48
CA LYS A 418 -3.19 -2.67 18.41
C LYS A 418 -4.66 -2.20 18.50
N SER A 419 -5.36 -2.20 17.35
CA SER A 419 -6.77 -1.78 17.23
C SER A 419 -7.75 -2.98 17.26
N PHE A 420 -7.20 -4.22 17.32
CA PHE A 420 -7.91 -5.52 17.33
C PHE A 420 -8.75 -5.70 16.07
#